data_5WVR
#
_entry.id   5WVR
#
_cell.length_a   61.174
_cell.length_b   46.602
_cell.length_c   73.103
_cell.angle_alpha   90.00
_cell.angle_beta   96.35
_cell.angle_gamma   90.00
#
_symmetry.space_group_name_H-M   'P 1 21 1'
#
loop_
_entity.id
_entity.type
_entity.pdbx_description
1 polymer KLLA0C04147p
2 non-polymer CHOLESTEROL
3 non-polymer 'SULFATE ION'
4 water water
#
_entity_poly.entity_id   1
_entity_poly.type   'polypeptide(L)'
_entity_poly.pdbx_seq_one_letter_code
;GAMGSTAEQKTKAKVLLEEGSFLGYEDKLRQRLKLGKDDRPSVSLWSVLKSMVGKDMTRMTLPVSFNEPTSLLQRVAEDL
EYADLLNQAASFEDSTLRLLYVAIFTVSSYASTVKRVAKPFNPLLGETFEYSRPDKSYRFFTEQVSHHPPISATWTESPK
WDFFGESFVDSKFNGRSFDFKHLGLWYLTIRPDSNGKEELYTYKKPNNQVVGILLGNPQVDNYGDVKIVNHNTGDYCMIH
FKARGWRSSSAYEVKGEVYNAKGGKEWIFGGRWNESVSAKKVLKPNSLEEMQVDELKHSVTHTSSGGPKYDGTRFNVWHV
NERPEFPFNLTKFAVTLNAPQPHLLPWLPPTDTRLRPDQRAMEEGRYDEAATEKHRVEERQRSVRKKREEKNITYQQRWF
KKEIHPVTKCDYWKFNGEYWKQRRDHKLADEGDIF
;
_entity_poly.pdbx_strand_id   A
#
loop_
_chem_comp.id
_chem_comp.type
_chem_comp.name
_chem_comp.formula
CLR non-polymer CHOLESTEROL 'C27 H46 O'
SO4 non-polymer 'SULFATE ION' 'O4 S -2'
#
# COMPACT_ATOMS: atom_id res chain seq x y z
N SER A 5 -2.35 0.51 27.90
CA SER A 5 -2.31 1.64 26.97
C SER A 5 -1.53 2.81 27.57
N THR A 6 -0.48 3.27 26.88
CA THR A 6 0.31 4.40 27.33
C THR A 6 -0.46 5.70 27.14
N ALA A 7 0.14 6.80 27.61
CA ALA A 7 -0.55 8.09 27.55
C ALA A 7 -0.62 8.62 26.12
N GLU A 8 0.44 8.41 25.33
CA GLU A 8 0.42 8.91 23.97
C GLU A 8 -0.49 8.06 23.09
N GLN A 9 -0.71 6.79 23.44
CA GLN A 9 -1.63 5.97 22.68
C GLN A 9 -3.07 6.44 22.88
N LYS A 10 -3.47 6.63 24.15
CA LYS A 10 -4.81 7.11 24.42
C LYS A 10 -5.02 8.51 23.86
N THR A 11 -4.00 9.36 23.94
CA THR A 11 -4.06 10.64 23.26
C THR A 11 -4.43 10.44 21.79
N LYS A 12 -3.74 9.51 21.12
CA LYS A 12 -4.01 9.27 19.72
C LYS A 12 -5.40 8.69 19.53
N ALA A 13 -5.79 7.73 20.37
CA ALA A 13 -7.13 7.17 20.27
C ALA A 13 -8.19 8.23 20.51
N LYS A 14 -7.91 9.18 21.39
CA LYS A 14 -8.86 10.27 21.62
C LYS A 14 -9.09 11.09 20.35
N VAL A 15 -8.00 11.46 19.66
CA VAL A 15 -8.10 12.29 18.47
C VAL A 15 -8.85 11.56 17.35
N LEU A 16 -8.56 10.27 17.15
CA LEU A 16 -9.27 9.49 16.13
C LEU A 16 -10.77 9.50 16.37
N LEU A 17 -11.21 9.36 17.63
CA LEU A 17 -12.65 9.30 17.90
C LEU A 17 -13.30 10.67 17.80
N GLU A 18 -12.65 11.72 18.33
CA GLU A 18 -13.25 13.04 18.23
C GLU A 18 -13.39 13.51 16.79
N GLU A 19 -12.48 13.11 15.93
CA GLU A 19 -12.55 13.53 14.55
C GLU A 19 -13.56 12.72 13.74
N GLY A 20 -14.25 11.76 14.36
CA GLY A 20 -15.26 11.00 13.65
C GLY A 20 -14.68 10.03 12.64
N SER A 21 -13.50 9.46 12.93
CA SER A 21 -12.75 8.69 11.96
C SER A 21 -13.50 7.43 11.52
N PHE A 22 -14.39 6.91 12.36
CA PHE A 22 -15.09 5.68 12.06
C PHE A 22 -16.56 5.88 11.69
N LEU A 23 -17.06 7.11 11.65
CA LEU A 23 -18.44 7.34 11.24
C LEU A 23 -18.63 6.96 9.78
N GLY A 24 -19.75 6.34 9.48
CA GLY A 24 -20.02 5.87 8.13
C GLY A 24 -19.55 4.45 7.87
N TYR A 25 -18.78 3.85 8.79
CA TYR A 25 -18.26 2.52 8.60
C TYR A 25 -19.02 1.47 9.40
N GLU A 26 -20.34 1.64 9.55
CA GLU A 26 -21.14 0.68 10.31
C GLU A 26 -21.55 -0.54 9.50
N ASP A 27 -21.57 -0.47 8.16
CA ASP A 27 -21.90 -1.65 7.36
C ASP A 27 -20.83 -2.73 7.48
N LYS A 28 -21.28 -3.98 7.50
CA LYS A 28 -20.36 -5.13 7.48
C LYS A 28 -19.52 -5.09 6.21
N LEU A 29 -18.27 -5.53 6.34
CA LEU A 29 -17.34 -5.45 5.21
C LEU A 29 -17.92 -6.14 3.99
N ARG A 30 -17.61 -5.64 2.80
CA ARG A 30 -18.02 -6.31 1.59
C ARG A 30 -17.30 -7.65 1.48
N GLN A 31 -18.06 -8.70 1.19
CA GLN A 31 -17.54 -10.06 1.12
C GLN A 31 -17.35 -10.56 -0.30
N ARG A 32 -18.00 -9.97 -1.28
CA ARG A 32 -17.91 -10.43 -2.65
C ARG A 32 -18.38 -9.32 -3.56
N LEU A 33 -18.03 -9.46 -4.83
CA LEU A 33 -18.43 -8.54 -5.89
C LEU A 33 -19.78 -8.96 -6.44
N LYS A 34 -20.44 -8.04 -7.15
CA LYS A 34 -21.66 -8.39 -7.87
C LYS A 34 -21.39 -9.50 -8.87
N LEU A 35 -20.42 -9.29 -9.77
CA LEU A 35 -19.91 -10.33 -10.65
C LEU A 35 -19.57 -11.59 -9.86
N GLY A 36 -19.93 -12.75 -10.41
CA GLY A 36 -19.58 -14.00 -9.75
C GLY A 36 -18.24 -14.49 -10.23
N LYS A 37 -18.09 -14.50 -11.55
CA LYS A 37 -16.81 -14.54 -12.24
C LYS A 37 -16.93 -13.59 -13.42
N ASP A 38 -15.87 -13.47 -14.19
CA ASP A 38 -16.07 -12.89 -15.51
C ASP A 38 -15.12 -13.55 -16.48
N ASP A 39 -15.46 -13.43 -17.76
CA ASP A 39 -14.66 -14.04 -18.79
C ASP A 39 -14.22 -13.00 -19.79
N ARG A 40 -13.62 -11.92 -19.30
CA ARG A 40 -12.69 -11.22 -20.16
C ARG A 40 -11.80 -12.27 -20.83
N PRO A 41 -11.62 -12.24 -22.14
CA PRO A 41 -10.73 -13.20 -22.77
C PRO A 41 -9.32 -13.03 -22.21
N SER A 42 -8.55 -14.12 -22.25
CA SER A 42 -7.16 -14.07 -21.83
C SER A 42 -6.31 -13.72 -23.05
N VAL A 43 -6.16 -12.41 -23.30
CA VAL A 43 -5.31 -11.95 -24.40
C VAL A 43 -3.84 -12.10 -24.02
N SER A 44 -3.04 -12.61 -24.96
CA SER A 44 -1.61 -12.73 -24.74
C SER A 44 -0.99 -11.38 -24.43
N LEU A 45 -0.24 -11.29 -23.32
CA LEU A 45 0.40 -10.04 -22.94
C LEU A 45 1.36 -9.55 -24.01
N TRP A 46 2.19 -10.47 -24.51
CA TRP A 46 3.20 -10.12 -25.51
C TRP A 46 2.57 -9.58 -26.78
N SER A 47 1.45 -10.16 -27.22
CA SER A 47 0.79 -9.67 -28.43
C SER A 47 0.46 -8.18 -28.32
N VAL A 48 0.09 -7.73 -27.12
CA VAL A 48 -0.17 -6.32 -26.85
C VAL A 48 1.13 -5.53 -26.73
N LEU A 49 2.09 -6.05 -25.95
CA LEU A 49 3.25 -5.27 -25.52
C LEU A 49 4.34 -5.15 -26.56
N LYS A 50 4.35 -6.03 -27.56
CA LYS A 50 5.40 -6.02 -28.58
C LYS A 50 5.43 -4.74 -29.39
N SER A 51 4.31 -4.03 -29.48
CA SER A 51 4.25 -2.77 -30.21
C SER A 51 4.51 -1.57 -29.33
N MET A 52 4.80 -1.77 -28.05
CA MET A 52 4.84 -0.66 -27.10
C MET A 52 6.12 -0.70 -26.28
N VAL A 53 7.19 -1.20 -26.91
CA VAL A 53 8.48 -1.34 -26.26
C VAL A 53 9.03 0.03 -25.87
N GLY A 54 9.49 0.15 -24.63
CA GLY A 54 10.00 1.41 -24.13
C GLY A 54 8.98 2.34 -23.51
N LYS A 55 7.70 1.98 -23.46
CA LYS A 55 6.69 2.87 -22.90
C LYS A 55 6.57 2.65 -21.39
N ASP A 56 5.93 3.63 -20.74
CA ASP A 56 5.53 3.61 -19.34
C ASP A 56 4.15 2.99 -19.23
N MET A 57 3.83 2.47 -18.03
CA MET A 57 2.52 1.85 -17.84
C MET A 57 1.39 2.83 -18.13
N THR A 58 1.61 4.09 -17.80
CA THR A 58 0.61 5.10 -17.97
C THR A 58 0.63 5.72 -19.36
N ARG A 59 1.53 5.28 -20.22
CA ARG A 59 1.62 5.77 -21.58
C ARG A 59 1.15 4.72 -22.59
N MET A 60 0.59 3.62 -22.12
CA MET A 60 0.12 2.53 -22.93
C MET A 60 -1.39 2.33 -22.89
N THR A 61 -2.01 1.96 -24.00
CA THR A 61 -3.41 1.59 -24.09
C THR A 61 -3.50 0.06 -24.15
N LEU A 62 -4.42 -0.50 -23.37
CA LEU A 62 -4.46 -1.94 -23.19
C LEU A 62 -5.89 -2.47 -23.23
N PRO A 63 -6.07 -3.74 -23.61
CA PRO A 63 -7.39 -4.36 -23.52
C PRO A 63 -7.80 -4.57 -22.06
N VAL A 64 -9.12 -4.74 -21.87
CA VAL A 64 -9.67 -4.82 -20.52
C VAL A 64 -9.14 -6.04 -19.79
N SER A 65 -8.75 -7.08 -20.52
CA SER A 65 -8.17 -8.25 -19.89
C SER A 65 -6.94 -7.91 -19.07
N PHE A 66 -6.30 -6.77 -19.34
CA PHE A 66 -5.12 -6.33 -18.60
C PHE A 66 -5.41 -5.12 -17.71
N ASN A 67 -6.69 -4.86 -17.42
CA ASN A 67 -7.13 -3.87 -16.44
C ASN A 67 -7.80 -4.58 -15.26
N GLU A 68 -7.71 -3.94 -14.09
CA GLU A 68 -8.26 -4.37 -12.81
C GLU A 68 -9.05 -3.21 -12.27
N PRO A 69 -10.25 -3.43 -11.68
CA PRO A 69 -11.10 -2.36 -11.18
C PRO A 69 -10.73 -1.86 -9.77
N THR A 70 -9.46 -1.63 -9.54
CA THR A 70 -9.00 -0.96 -8.35
C THR A 70 -8.17 0.22 -8.78
N SER A 71 -8.13 1.25 -7.93
CA SER A 71 -7.21 2.36 -8.13
C SER A 71 -5.84 2.04 -7.53
N LEU A 72 -4.80 2.65 -8.10
CA LEU A 72 -3.51 2.70 -7.43
C LEU A 72 -3.66 3.18 -5.99
N LEU A 73 -4.62 4.06 -5.73
CA LEU A 73 -4.87 4.52 -4.37
C LEU A 73 -5.22 3.37 -3.44
N GLN A 74 -5.97 2.39 -3.94
CA GLN A 74 -6.39 1.25 -3.15
C GLN A 74 -5.35 0.15 -3.11
N ARG A 75 -4.59 -0.05 -4.18
CA ARG A 75 -3.46 -0.99 -4.10
C ARG A 75 -2.49 -0.58 -2.99
N VAL A 76 -2.23 0.72 -2.85
CA VAL A 76 -1.36 1.20 -1.79
C VAL A 76 -1.96 0.92 -0.41
N ALA A 77 -3.28 1.05 -0.29
CA ALA A 77 -4.00 0.67 0.91
C ALA A 77 -3.90 -0.81 1.20
N GLU A 78 -3.51 -1.66 0.24
CA GLU A 78 -3.30 -3.06 0.61
C GLU A 78 -2.03 -3.27 1.44
N ASP A 79 -1.19 -2.24 1.61
CA ASP A 79 -0.18 -2.27 2.68
C ASP A 79 -0.77 -2.70 4.01
N LEU A 80 -2.04 -2.38 4.26
CA LEU A 80 -2.63 -2.50 5.59
C LEU A 80 -3.26 -3.84 5.87
N GLU A 81 -3.23 -4.78 4.91
CA GLU A 81 -3.88 -6.07 5.08
C GLU A 81 -3.46 -6.75 6.38
N TYR A 82 -2.16 -6.80 6.65
CA TYR A 82 -1.61 -7.49 7.81
C TYR A 82 -1.12 -6.51 8.87
N ALA A 83 -1.80 -5.37 9.00
CA ALA A 83 -1.36 -4.33 9.94
C ALA A 83 -1.45 -4.75 11.39
N ASP A 84 -2.10 -5.88 11.72
CA ASP A 84 -2.03 -6.42 13.07
C ASP A 84 -0.59 -6.67 13.53
N LEU A 85 0.34 -6.82 12.57
CA LEU A 85 1.75 -6.98 12.90
C LEU A 85 2.31 -5.73 13.56
N LEU A 86 1.69 -4.58 13.30
CA LEU A 86 2.20 -3.34 13.89
C LEU A 86 1.76 -3.18 15.34
N ASN A 87 0.54 -3.61 15.69
CA ASN A 87 0.16 -3.61 17.09
C ASN A 87 0.95 -4.67 17.85
N GLN A 88 1.21 -5.81 17.21
CA GLN A 88 2.10 -6.79 17.80
C GLN A 88 3.48 -6.18 18.05
N ALA A 89 3.99 -5.43 17.08
CA ALA A 89 5.28 -4.78 17.25
C ALA A 89 5.26 -3.83 18.43
N ALA A 90 4.19 -3.03 18.55
CA ALA A 90 4.06 -2.06 19.63
C ALA A 90 4.15 -2.69 21.02
N SER A 91 3.87 -3.99 21.13
CA SER A 91 3.69 -4.62 22.42
C SER A 91 4.99 -5.14 23.02
N PHE A 92 6.08 -5.10 22.26
CA PHE A 92 7.35 -5.73 22.63
C PHE A 92 8.29 -4.69 23.25
N GLU A 93 8.85 -5.01 24.42
CA GLU A 93 9.74 -4.05 25.05
C GLU A 93 11.09 -3.97 24.33
N ASP A 94 11.49 -5.04 23.66
CA ASP A 94 12.78 -5.07 23.00
C ASP A 94 12.67 -4.38 21.64
N SER A 95 13.44 -3.31 21.46
CA SER A 95 13.31 -2.50 20.25
C SER A 95 13.72 -3.26 19.00
N THR A 96 14.66 -4.21 19.10
CA THR A 96 15.01 -4.96 17.90
C THR A 96 13.92 -5.98 17.53
N LEU A 97 13.17 -6.44 18.54
CA LEU A 97 12.01 -7.28 18.26
C LEU A 97 10.87 -6.47 17.65
N ARG A 98 10.71 -5.21 18.08
CA ARG A 98 9.82 -4.31 17.36
C ARG A 98 10.25 -4.18 15.90
N LEU A 99 11.54 -4.00 15.66
CA LEU A 99 12.01 -3.89 14.28
C LEU A 99 11.70 -5.16 13.51
N LEU A 100 11.93 -6.33 14.12
CA LEU A 100 11.64 -7.59 13.44
C LEU A 100 10.21 -7.64 12.94
N TYR A 101 9.26 -7.20 13.76
CA TYR A 101 7.86 -7.26 13.37
C TYR A 101 7.52 -6.13 12.38
N VAL A 102 8.12 -4.94 12.55
CA VAL A 102 7.97 -3.89 11.53
C VAL A 102 8.48 -4.38 10.19
N ALA A 103 9.64 -5.04 10.18
CA ALA A 103 10.20 -5.55 8.94
C ALA A 103 9.26 -6.54 8.27
N ILE A 104 8.72 -7.47 9.04
CA ILE A 104 7.87 -8.49 8.43
C ILE A 104 6.54 -7.88 7.97
N PHE A 105 6.09 -6.79 8.60
CA PHE A 105 4.95 -6.08 8.07
C PHE A 105 5.21 -5.56 6.65
N THR A 106 6.38 -4.96 6.42
CA THR A 106 6.71 -4.47 5.09
C THR A 106 6.72 -5.61 4.06
N VAL A 107 7.07 -6.83 4.48
CA VAL A 107 7.13 -7.98 3.60
C VAL A 107 5.74 -8.54 3.29
N SER A 108 4.81 -8.48 4.25
CA SER A 108 3.54 -9.17 4.16
C SER A 108 2.61 -8.60 3.10
N SER A 109 2.86 -7.43 2.58
CA SER A 109 1.91 -6.91 1.62
C SER A 109 2.15 -7.42 0.20
N TYR A 110 3.20 -8.21 -0.05
CA TYR A 110 3.45 -8.64 -1.43
C TYR A 110 2.74 -9.93 -1.82
N ALA A 111 2.16 -10.66 -0.86
CA ALA A 111 1.43 -11.88 -1.21
C ALA A 111 0.23 -11.59 -2.11
N SER A 112 -0.43 -10.45 -1.87
CA SER A 112 -1.62 -10.03 -2.61
C SER A 112 -1.33 -9.63 -4.05
N THR A 113 -0.05 -9.45 -4.43
CA THR A 113 0.29 -9.08 -5.81
C THR A 113 0.30 -10.27 -6.76
N VAL A 114 0.40 -11.49 -6.25
CA VAL A 114 0.44 -12.68 -7.10
C VAL A 114 -0.87 -12.83 -7.87
N LYS A 115 -0.78 -13.30 -9.08
CA LYS A 115 -1.94 -13.56 -9.91
C LYS A 115 -2.75 -12.38 -10.36
N ARG A 116 -2.28 -11.19 -10.11
CA ARG A 116 -2.96 -10.00 -10.60
C ARG A 116 -2.02 -9.26 -11.57
N VAL A 117 -1.84 -9.84 -12.75
CA VAL A 117 -1.05 -9.20 -13.80
C VAL A 117 -2.04 -8.31 -14.58
N ALA A 118 -2.28 -7.12 -14.04
CA ALA A 118 -3.26 -6.22 -14.63
C ALA A 118 -2.92 -4.81 -14.18
N LYS A 119 -3.33 -3.85 -14.97
CA LYS A 119 -3.03 -2.45 -14.68
C LYS A 119 -4.12 -1.88 -13.77
N PRO A 120 -3.80 -1.35 -12.59
CA PRO A 120 -4.83 -0.66 -11.79
C PRO A 120 -5.16 0.67 -12.45
N PHE A 121 -6.31 1.21 -12.08
CA PHE A 121 -6.63 2.53 -12.60
C PHE A 121 -5.59 3.55 -12.14
N ASN A 122 -5.22 4.40 -13.06
CA ASN A 122 -4.35 5.54 -12.85
C ASN A 122 -5.21 6.65 -12.26
N PRO A 123 -5.01 6.98 -11.00
CA PRO A 123 -5.94 7.89 -10.33
C PRO A 123 -5.93 9.26 -10.98
N LEU A 124 -7.12 9.87 -11.05
CA LEU A 124 -7.21 11.24 -11.54
C LEU A 124 -6.57 12.18 -10.54
N LEU A 125 -6.10 13.32 -11.06
CA LEU A 125 -5.47 14.34 -10.23
C LEU A 125 -6.49 14.89 -9.23
N GLY A 126 -6.18 14.80 -7.94
CA GLY A 126 -7.16 15.20 -6.94
C GLY A 126 -8.07 14.09 -6.47
N GLU A 127 -8.01 12.91 -7.08
CA GLU A 127 -8.80 11.80 -6.56
C GLU A 127 -8.29 11.39 -5.17
N THR A 128 -9.21 10.92 -4.34
CA THR A 128 -8.91 10.61 -2.95
C THR A 128 -9.50 9.25 -2.59
N PHE A 129 -9.00 8.65 -1.51
CA PHE A 129 -9.58 7.40 -1.06
C PHE A 129 -9.43 7.33 0.44
N GLU A 130 -10.54 7.14 1.14
CA GLU A 130 -10.51 6.96 2.57
C GLU A 130 -10.89 5.51 2.88
N TYR A 131 -10.39 5.02 4.00
CA TYR A 131 -10.72 3.67 4.43
C TYR A 131 -10.43 3.60 5.92
N SER A 132 -11.48 3.46 6.72
CA SER A 132 -11.32 3.25 8.14
C SER A 132 -11.80 1.87 8.54
N ARG A 133 -11.18 1.32 9.58
CA ARG A 133 -11.53 0.02 10.13
C ARG A 133 -11.82 0.18 11.62
N PRO A 134 -13.08 0.29 12.02
CA PRO A 134 -13.38 0.40 13.45
C PRO A 134 -12.84 -0.76 14.29
N ASP A 135 -12.85 -1.98 13.73
CA ASP A 135 -12.44 -3.17 14.47
C ASP A 135 -10.93 -3.25 14.70
N LYS A 136 -10.14 -2.42 14.00
CA LYS A 136 -8.71 -2.32 14.18
C LYS A 136 -8.28 -0.96 14.68
N SER A 137 -9.20 0.00 14.75
CA SER A 137 -8.93 1.35 15.24
C SER A 137 -7.89 2.08 14.40
N TYR A 138 -7.90 1.88 13.08
CA TYR A 138 -7.04 2.69 12.22
C TYR A 138 -7.85 3.44 11.15
N ARG A 139 -7.29 4.54 10.68
CA ARG A 139 -7.87 5.30 9.59
C ARG A 139 -6.79 5.53 8.54
N PHE A 140 -7.18 5.36 7.27
CA PHE A 140 -6.29 5.52 6.13
C PHE A 140 -6.87 6.57 5.18
N PHE A 141 -5.99 7.42 4.63
CA PHE A 141 -6.39 8.45 3.69
C PHE A 141 -5.28 8.63 2.67
N THR A 142 -5.67 8.82 1.41
CA THR A 142 -4.70 9.09 0.35
C THR A 142 -5.31 10.03 -0.69
N GLU A 143 -4.46 10.88 -1.29
CA GLU A 143 -4.82 11.80 -2.34
C GLU A 143 -3.82 11.67 -3.45
N GLN A 144 -4.30 11.67 -4.71
CA GLN A 144 -3.43 11.73 -5.88
C GLN A 144 -2.97 13.17 -6.05
N VAL A 145 -1.73 13.44 -5.67
CA VAL A 145 -1.22 14.81 -5.60
C VAL A 145 -0.56 15.24 -6.88
N SER A 146 -0.26 14.30 -7.78
CA SER A 146 0.37 14.64 -9.05
C SER A 146 -0.12 13.66 -10.12
N HIS A 147 -0.28 14.16 -11.35
CA HIS A 147 -0.65 13.32 -12.48
C HIS A 147 0.49 13.08 -13.46
N HIS A 148 1.33 14.10 -13.72
CA HIS A 148 2.58 13.97 -14.48
C HIS A 148 3.81 14.37 -13.65
N PRO A 149 4.48 13.40 -13.01
CA PRO A 149 4.17 11.97 -13.03
C PRO A 149 3.07 11.63 -12.01
N PRO A 150 2.48 10.43 -12.10
CA PRO A 150 1.50 10.00 -11.09
C PRO A 150 2.16 9.76 -9.73
N ILE A 151 1.66 10.44 -8.71
CA ILE A 151 2.16 10.33 -7.35
C ILE A 151 0.97 10.38 -6.39
N SER A 152 0.94 9.49 -5.43
CA SER A 152 -0.07 9.45 -4.39
C SER A 152 0.59 9.72 -3.04
N ALA A 153 -0.11 10.42 -2.16
CA ALA A 153 0.33 10.62 -0.78
C ALA A 153 -0.64 9.87 0.13
N THR A 154 -0.11 9.20 1.15
CA THR A 154 -0.92 8.43 2.10
C THR A 154 -0.68 8.94 3.51
N TRP A 155 -1.58 8.57 4.42
CA TRP A 155 -1.51 8.96 5.82
C TRP A 155 -2.41 8.01 6.57
N THR A 156 -1.81 7.11 7.37
CA THR A 156 -2.57 6.17 8.18
C THR A 156 -2.32 6.44 9.65
N GLU A 157 -3.37 6.36 10.47
CA GLU A 157 -3.26 6.70 11.87
C GLU A 157 -4.02 5.67 12.71
N SER A 158 -3.39 5.25 13.80
CA SER A 158 -3.88 4.26 14.76
C SER A 158 -3.35 4.63 16.13
N PRO A 159 -3.95 4.09 17.20
CA PRO A 159 -3.44 4.44 18.56
C PRO A 159 -1.98 4.07 18.78
N LYS A 160 -1.53 2.93 18.27
CA LYS A 160 -0.17 2.47 18.55
C LYS A 160 0.81 2.74 17.40
N TRP A 161 0.33 3.19 16.24
CA TRP A 161 1.23 3.36 15.11
C TRP A 161 0.58 4.28 14.08
N ASP A 162 1.44 5.01 13.36
CA ASP A 162 1.13 5.75 12.15
C ASP A 162 1.97 5.21 11.00
N PHE A 163 1.53 5.50 9.77
CA PHE A 163 2.21 5.01 8.59
C PHE A 163 1.85 5.93 7.44
N PHE A 164 2.86 6.55 6.83
CA PHE A 164 2.61 7.44 5.70
C PHE A 164 3.81 7.43 4.76
N GLY A 165 3.56 7.91 3.56
CA GLY A 165 4.60 8.00 2.56
C GLY A 165 4.05 8.38 1.22
N GLU A 166 4.98 8.42 0.26
CA GLU A 166 4.73 8.87 -1.09
C GLU A 166 4.80 7.66 -2.00
N SER A 167 3.77 7.47 -2.83
CA SER A 167 3.79 6.40 -3.84
C SER A 167 4.12 7.04 -5.20
N PHE A 168 5.38 6.90 -5.61
CA PHE A 168 5.92 7.42 -6.86
C PHE A 168 6.51 6.20 -7.58
N VAL A 169 5.70 5.59 -8.44
CA VAL A 169 6.08 4.36 -9.12
C VAL A 169 6.55 4.71 -10.52
N ASP A 170 7.78 4.30 -10.82
CA ASP A 170 8.43 4.58 -12.09
C ASP A 170 8.54 3.26 -12.83
N SER A 171 7.90 3.15 -14.00
CA SER A 171 7.79 1.85 -14.68
C SER A 171 8.33 1.89 -16.10
N LYS A 172 8.72 0.72 -16.61
CA LYS A 172 9.38 0.64 -17.92
C LYS A 172 9.27 -0.77 -18.46
N PHE A 173 8.70 -0.92 -19.66
CA PHE A 173 8.79 -2.20 -20.37
C PHE A 173 9.98 -2.14 -21.32
N ASN A 174 10.98 -3.01 -21.09
CA ASN A 174 12.20 -3.02 -21.87
C ASN A 174 12.17 -3.98 -23.06
N GLY A 175 10.99 -4.50 -23.43
CA GLY A 175 10.90 -5.49 -24.46
C GLY A 175 11.02 -6.93 -23.98
N ARG A 176 11.46 -7.14 -22.75
CA ARG A 176 11.45 -8.47 -22.15
C ARG A 176 10.61 -8.51 -20.88
N SER A 177 10.90 -7.65 -19.92
CA SER A 177 10.19 -7.62 -18.67
C SER A 177 9.61 -6.22 -18.44
N PHE A 178 8.63 -6.14 -17.55
CA PHE A 178 8.03 -4.88 -17.15
C PHE A 178 8.53 -4.59 -15.74
N ASP A 179 9.28 -3.50 -15.55
CA ASP A 179 9.93 -3.19 -14.27
C ASP A 179 9.25 -2.00 -13.61
N PHE A 180 9.09 -2.08 -12.27
CA PHE A 180 8.45 -1.01 -11.47
C PHE A 180 9.33 -0.69 -10.26
N LYS A 181 9.80 0.55 -10.17
CA LYS A 181 10.59 1.01 -9.03
C LYS A 181 9.79 2.00 -8.20
N HIS A 182 9.94 1.91 -6.87
CA HIS A 182 9.16 2.71 -5.95
C HIS A 182 10.10 3.76 -5.34
N LEU A 183 9.94 4.99 -5.79
CA LEU A 183 10.89 6.04 -5.51
C LEU A 183 10.65 6.75 -4.19
N GLY A 184 9.43 6.67 -3.62
CA GLY A 184 9.14 7.44 -2.42
C GLY A 184 9.63 6.77 -1.13
N LEU A 185 9.80 7.57 -0.10
CA LEU A 185 10.19 7.11 1.23
C LEU A 185 8.95 6.82 2.07
N TRP A 186 9.04 5.78 2.91
CA TRP A 186 7.91 5.39 3.75
C TRP A 186 8.26 5.54 5.24
N TYR A 187 7.31 6.08 5.99
CA TYR A 187 7.51 6.44 7.39
C TYR A 187 6.58 5.61 8.25
N LEU A 188 7.15 4.88 9.21
CA LEU A 188 6.36 4.05 10.10
C LEU A 188 6.74 4.42 11.53
N THR A 189 5.76 4.98 12.25
CA THR A 189 5.88 5.44 13.62
C THR A 189 5.23 4.42 14.54
N ILE A 190 5.92 4.06 15.63
CA ILE A 190 5.40 3.15 16.65
C ILE A 190 5.35 3.91 17.98
N ARG A 191 4.25 3.76 18.72
CA ARG A 191 4.16 4.25 20.09
C ARG A 191 4.19 3.03 21.00
N PRO A 192 5.35 2.62 21.50
CA PRO A 192 5.46 1.33 22.17
C PRO A 192 4.65 1.27 23.46
N ASP A 193 4.20 0.05 23.79
CA ASP A 193 3.55 -0.15 25.07
C ASP A 193 4.48 0.12 26.25
N SER A 194 5.79 -0.07 26.07
CA SER A 194 6.70 0.21 27.17
C SER A 194 8.12 0.39 26.64
N ASN A 195 8.96 0.96 27.49
CA ASN A 195 10.40 1.02 27.26
C ASN A 195 10.70 1.57 25.86
N GLY A 196 10.40 2.85 25.71
CA GLY A 196 10.59 3.51 24.44
C GLY A 196 9.61 4.65 24.20
N LYS A 197 10.14 5.82 23.92
CA LYS A 197 9.33 6.91 23.43
C LYS A 197 8.92 6.59 22.00
N GLU A 198 8.01 7.40 21.46
CA GLU A 198 7.56 7.26 20.07
C GLU A 198 8.76 7.20 19.14
N GLU A 199 8.75 6.25 18.21
CA GLU A 199 9.93 5.99 17.39
C GLU A 199 9.58 5.92 15.90
N LEU A 200 10.50 6.40 15.07
CA LEU A 200 10.31 6.46 13.62
C LEU A 200 11.19 5.43 12.89
N TYR A 201 10.57 4.66 12.00
CA TYR A 201 11.22 3.80 11.02
C TYR A 201 11.00 4.34 9.62
N THR A 202 12.04 4.28 8.80
CA THR A 202 11.88 4.60 7.39
C THR A 202 12.51 3.49 6.55
N TYR A 203 11.95 3.31 5.34
CA TYR A 203 12.41 2.35 4.36
C TYR A 203 11.82 2.74 3.01
N LYS A 204 12.37 2.11 1.97
CA LYS A 204 11.80 2.16 0.65
C LYS A 204 11.37 0.76 0.25
N LYS A 205 10.34 0.68 -0.61
CA LYS A 205 9.75 -0.58 -1.00
C LYS A 205 10.64 -1.26 -2.03
N PRO A 206 10.57 -2.58 -2.14
CA PRO A 206 11.31 -3.28 -3.18
C PRO A 206 10.73 -2.98 -4.55
N ASN A 207 11.41 -3.50 -5.56
CA ASN A 207 10.93 -3.39 -6.92
C ASN A 207 9.98 -4.53 -7.26
N ASN A 208 9.12 -4.29 -8.26
CA ASN A 208 8.30 -5.34 -8.85
C ASN A 208 8.68 -5.48 -10.32
N GLN A 209 8.41 -6.65 -10.87
CA GLN A 209 8.55 -6.81 -12.31
C GLN A 209 7.53 -7.85 -12.76
N VAL A 210 7.03 -7.66 -13.97
CA VAL A 210 6.29 -8.71 -14.66
C VAL A 210 7.29 -9.44 -15.55
N VAL A 211 7.42 -10.74 -15.36
CA VAL A 211 8.28 -11.60 -16.16
C VAL A 211 7.42 -12.74 -16.71
N GLY A 212 8.08 -13.66 -17.40
CA GLY A 212 7.38 -14.69 -18.13
C GLY A 212 6.57 -14.20 -19.30
N ILE A 213 6.76 -12.94 -19.71
CA ILE A 213 5.98 -12.40 -20.81
C ILE A 213 6.32 -13.12 -22.10
N LEU A 214 7.61 -13.32 -22.36
CA LEU A 214 8.01 -14.05 -23.57
C LEU A 214 7.53 -15.49 -23.55
N LEU A 215 7.64 -16.15 -22.39
CA LEU A 215 7.30 -17.57 -22.24
C LEU A 215 5.80 -17.84 -22.35
N GLY A 216 4.95 -16.82 -22.33
CA GLY A 216 3.52 -17.03 -22.37
C GLY A 216 2.85 -17.23 -21.02
N ASN A 217 3.54 -16.93 -19.92
CA ASN A 217 3.02 -17.18 -18.56
C ASN A 217 3.44 -16.06 -17.65
N PRO A 218 2.84 -14.87 -17.80
CA PRO A 218 3.32 -13.69 -17.06
C PRO A 218 3.18 -13.83 -15.55
N GLN A 219 4.23 -13.46 -14.82
CA GLN A 219 4.32 -13.65 -13.36
C GLN A 219 4.72 -12.33 -12.70
N VAL A 220 4.07 -11.99 -11.59
CA VAL A 220 4.53 -10.87 -10.77
C VAL A 220 5.62 -11.36 -9.81
N ASP A 221 6.77 -10.71 -9.87
CA ASP A 221 7.93 -10.99 -9.07
C ASP A 221 8.34 -9.73 -8.33
N ASN A 222 8.61 -9.85 -7.04
CA ASN A 222 9.11 -8.72 -6.27
C ASN A 222 10.53 -9.03 -5.87
N TYR A 223 11.38 -8.00 -5.85
CA TYR A 223 12.81 -8.26 -5.81
C TYR A 223 13.54 -7.00 -5.36
N GLY A 224 14.72 -7.21 -4.79
CA GLY A 224 15.60 -6.13 -4.43
C GLY A 224 15.90 -6.11 -2.94
N ASP A 225 16.68 -5.11 -2.56
CA ASP A 225 17.15 -4.92 -1.20
C ASP A 225 16.31 -3.85 -0.54
N VAL A 226 16.06 -4.02 0.74
CA VAL A 226 15.29 -3.08 1.53
C VAL A 226 16.07 -2.82 2.82
N LYS A 227 16.16 -1.55 3.22
CA LYS A 227 16.81 -1.15 4.46
C LYS A 227 15.80 -0.37 5.30
N ILE A 228 15.52 -0.86 6.49
CA ILE A 228 14.70 -0.17 7.48
C ILE A 228 15.64 0.31 8.59
N VAL A 229 15.49 1.57 9.00
CA VAL A 229 16.30 2.15 10.06
C VAL A 229 15.36 2.75 11.10
N ASN A 230 15.64 2.49 12.38
CA ASN A 230 14.91 3.11 13.49
C ASN A 230 15.67 4.37 13.85
N HIS A 231 15.15 5.52 13.45
CA HIS A 231 15.86 6.77 13.71
C HIS A 231 16.02 7.10 15.19
N ASN A 232 15.35 6.38 16.09
CA ASN A 232 15.50 6.70 17.50
C ASN A 232 16.47 5.80 18.27
N THR A 233 16.81 4.61 17.75
CA THR A 233 17.51 3.65 18.61
C THR A 233 19.03 3.47 18.39
N GLY A 234 19.57 3.37 17.18
CA GLY A 234 18.90 3.10 15.92
C GLY A 234 19.28 1.75 15.32
N ASP A 235 18.49 0.74 15.65
CA ASP A 235 18.60 -0.55 14.98
C ASP A 235 18.29 -0.39 13.48
N TYR A 236 18.62 -1.43 12.71
CA TYR A 236 18.38 -1.41 11.27
C TYR A 236 18.18 -2.85 10.83
N CYS A 237 17.58 -3.01 9.66
CA CYS A 237 17.23 -4.32 9.14
C CYS A 237 17.48 -4.38 7.64
N MET A 238 18.20 -5.41 7.20
CA MET A 238 18.38 -5.69 5.79
C MET A 238 17.40 -6.76 5.35
N ILE A 239 16.68 -6.49 4.25
CA ILE A 239 15.77 -7.45 3.64
C ILE A 239 16.18 -7.66 2.19
N HIS A 240 16.08 -8.90 1.73
CA HIS A 240 16.50 -9.27 0.38
C HIS A 240 15.36 -10.09 -0.20
N PHE A 241 14.54 -9.45 -1.04
CA PHE A 241 13.60 -10.16 -1.91
C PHE A 241 14.39 -10.69 -3.10
N LYS A 242 14.38 -11.99 -3.31
CA LYS A 242 15.22 -12.53 -4.36
C LYS A 242 14.53 -12.33 -5.70
N ALA A 243 15.30 -11.89 -6.69
CA ALA A 243 14.80 -11.83 -8.05
C ALA A 243 14.66 -13.23 -8.63
N ARG A 244 13.61 -13.41 -9.44
CA ARG A 244 13.47 -14.60 -10.26
C ARG A 244 14.69 -14.82 -11.12
N GLY A 245 15.12 -16.08 -11.21
CA GLY A 245 16.18 -16.47 -12.13
C GLY A 245 15.77 -17.57 -13.09
N ALA A 251 12.06 -16.46 -7.83
CA ALA A 251 11.39 -15.50 -6.97
C ALA A 251 10.82 -16.18 -5.74
N TYR A 252 9.99 -15.44 -5.03
CA TYR A 252 9.32 -15.81 -3.77
C TYR A 252 10.19 -15.84 -2.54
N GLU A 253 11.49 -16.10 -2.63
CA GLU A 253 12.22 -16.14 -1.37
C GLU A 253 12.53 -14.73 -0.87
N VAL A 254 12.41 -14.57 0.43
CA VAL A 254 12.80 -13.36 1.12
C VAL A 254 13.53 -13.79 2.39
N LYS A 255 14.62 -13.10 2.72
CA LYS A 255 15.37 -13.30 3.96
C LYS A 255 15.69 -11.95 4.55
N GLY A 256 15.93 -11.92 5.85
CA GLY A 256 16.18 -10.66 6.51
C GLY A 256 17.01 -10.85 7.76
N GLU A 257 17.76 -9.80 8.12
CA GLU A 257 18.61 -9.79 9.30
C GLU A 257 18.37 -8.48 10.05
N VAL A 258 18.18 -8.58 11.36
CA VAL A 258 17.91 -7.43 12.21
C VAL A 258 19.11 -7.20 13.10
N TYR A 259 19.62 -5.97 13.12
CA TYR A 259 20.80 -5.62 13.89
C TYR A 259 20.48 -4.57 14.94
N ASN A 260 21.23 -4.61 16.06
CA ASN A 260 21.17 -3.47 16.97
C ASN A 260 22.08 -2.36 16.43
N ALA A 261 22.14 -1.26 17.17
CA ALA A 261 22.89 -0.10 16.67
C ALA A 261 24.38 -0.39 16.60
N LYS A 262 24.88 -1.29 17.44
CA LYS A 262 26.29 -1.66 17.42
C LYS A 262 26.60 -2.71 16.36
N GLY A 263 25.67 -3.01 15.46
CA GLY A 263 25.97 -4.00 14.45
C GLY A 263 25.73 -5.42 14.88
N GLY A 264 25.19 -5.64 16.07
CA GLY A 264 24.96 -6.99 16.56
C GLY A 264 23.76 -7.65 15.93
N LYS A 265 23.98 -8.76 15.23
CA LYS A 265 22.89 -9.49 14.62
C LYS A 265 21.99 -10.07 15.71
N GLU A 266 20.77 -9.55 15.83
CA GLU A 266 19.86 -9.96 16.88
C GLU A 266 18.83 -10.98 16.43
N TRP A 267 18.34 -10.86 15.19
CA TRP A 267 17.30 -11.74 14.67
C TRP A 267 17.52 -11.96 13.18
N ILE A 268 17.04 -13.10 12.69
CA ILE A 268 16.95 -13.35 11.25
C ILE A 268 15.57 -13.93 10.96
N PHE A 269 15.12 -13.73 9.73
CA PHE A 269 13.83 -14.21 9.31
C PHE A 269 13.90 -14.57 7.85
N GLY A 270 12.96 -15.41 7.42
CA GLY A 270 12.88 -15.77 6.02
C GLY A 270 11.68 -16.64 5.77
N GLY A 271 11.34 -16.73 4.48
CA GLY A 271 10.24 -17.54 4.02
C GLY A 271 9.97 -17.23 2.56
N ARG A 272 8.72 -17.41 2.16
CA ARG A 272 8.30 -17.08 0.79
C ARG A 272 7.20 -16.05 0.89
N TRP A 273 7.47 -14.85 0.34
CA TRP A 273 6.54 -13.73 0.51
C TRP A 273 5.17 -13.96 -0.12
N ASN A 274 4.94 -15.10 -0.79
CA ASN A 274 3.61 -15.51 -1.17
C ASN A 274 3.00 -16.50 -0.19
N GLU A 275 3.66 -16.79 0.92
CA GLU A 275 3.18 -17.86 1.79
C GLU A 275 3.34 -17.58 3.28
N SER A 276 4.57 -17.61 3.79
CA SER A 276 4.77 -17.43 5.22
C SER A 276 6.21 -17.02 5.50
N VAL A 277 6.41 -16.31 6.59
CA VAL A 277 7.74 -15.94 7.04
C VAL A 277 7.89 -16.40 8.49
N SER A 278 9.07 -16.97 8.81
CA SER A 278 9.46 -17.39 10.15
C SER A 278 10.72 -16.65 10.58
N ALA A 279 11.00 -16.68 11.89
CA ALA A 279 12.10 -15.92 12.46
C ALA A 279 12.73 -16.68 13.63
N LYS A 280 13.94 -16.24 14.00
CA LYS A 280 14.62 -16.81 15.16
C LYS A 280 15.58 -15.81 15.77
N LYS A 281 15.82 -15.96 17.08
CA LYS A 281 16.77 -15.13 17.78
C LYS A 281 18.19 -15.57 17.44
N VAL A 282 19.03 -14.62 17.07
CA VAL A 282 20.44 -14.88 16.83
C VAL A 282 21.19 -14.69 18.14
N LEU A 283 21.90 -15.72 18.57
CA LEU A 283 22.45 -15.74 19.92
C LEU A 283 23.86 -15.16 20.00
N LYS A 284 24.73 -15.47 19.04
CA LYS A 284 26.02 -14.79 18.94
C LYS A 284 25.86 -13.56 18.06
N PRO A 285 26.07 -12.34 18.56
CA PRO A 285 25.82 -11.15 17.73
C PRO A 285 26.70 -11.09 16.49
N ASN A 286 27.82 -11.80 16.45
CA ASN A 286 28.72 -11.75 15.31
C ASN A 286 28.46 -12.84 14.27
N SER A 287 27.47 -13.70 14.48
CA SER A 287 27.18 -14.75 13.52
C SER A 287 26.83 -14.15 12.16
N LEU A 288 27.18 -14.88 11.09
CA LEU A 288 26.72 -14.53 9.75
C LEU A 288 25.64 -15.50 9.26
N GLU A 289 25.09 -16.31 10.16
CA GLU A 289 23.98 -17.16 9.76
C GLU A 289 22.82 -16.34 9.21
N GLU A 290 22.25 -16.82 8.11
CA GLU A 290 21.01 -16.27 7.56
C GLU A 290 19.97 -17.38 7.48
N MET A 291 18.75 -16.98 7.13
CA MET A 291 17.63 -17.88 7.28
C MET A 291 17.68 -18.96 6.21
N GLN A 292 17.59 -20.21 6.65
CA GLN A 292 17.54 -21.36 5.76
C GLN A 292 16.10 -21.53 5.29
N VAL A 293 15.90 -21.48 3.98
CA VAL A 293 14.56 -21.56 3.41
C VAL A 293 14.11 -23.02 3.44
N THR A 303 8.91 -24.69 14.55
CA THR A 303 7.47 -24.81 14.47
C THR A 303 6.78 -24.43 15.78
N SER A 304 7.02 -23.21 16.27
CA SER A 304 6.26 -22.65 17.39
C SER A 304 5.37 -21.56 16.84
N SER A 305 4.06 -21.74 16.97
CA SER A 305 3.08 -20.74 16.58
C SER A 305 2.51 -20.07 17.83
N GLY A 306 3.38 -19.80 18.81
CA GLY A 306 2.99 -19.17 20.05
C GLY A 306 3.58 -17.80 20.28
N GLY A 307 4.37 -17.30 19.34
CA GLY A 307 4.95 -15.99 19.45
C GLY A 307 6.46 -16.05 19.54
N PRO A 308 7.09 -14.90 19.76
CA PRO A 308 8.56 -14.78 19.69
C PRO A 308 9.26 -15.61 20.76
N LYS A 309 10.41 -16.17 20.37
CA LYS A 309 11.26 -17.00 21.21
C LYS A 309 12.64 -16.37 21.25
N TYR A 310 13.21 -16.25 22.45
CA TYR A 310 14.54 -15.71 22.64
C TYR A 310 15.64 -16.76 22.73
N ASP A 311 15.29 -18.05 22.79
CA ASP A 311 16.27 -19.12 22.99
C ASP A 311 16.90 -19.63 21.70
N GLY A 312 16.49 -19.12 20.54
CA GLY A 312 17.05 -19.54 19.27
C GLY A 312 16.19 -20.50 18.47
N THR A 313 15.05 -20.93 19.01
CA THR A 313 14.11 -21.74 18.24
C THR A 313 13.34 -20.85 17.27
N ARG A 314 12.79 -21.49 16.24
CA ARG A 314 12.07 -20.79 15.20
C ARG A 314 10.62 -20.58 15.58
N PHE A 315 10.09 -19.42 15.22
CA PHE A 315 8.69 -19.11 15.44
C PHE A 315 8.08 -18.49 14.19
N ASN A 316 6.85 -18.89 13.87
CA ASN A 316 6.13 -18.24 12.79
C ASN A 316 5.84 -16.79 13.14
N VAL A 317 5.74 -15.94 12.12
CA VAL A 317 5.42 -14.54 12.35
C VAL A 317 4.27 -14.11 11.45
N TRP A 318 4.19 -14.69 10.25
CA TRP A 318 3.20 -14.25 9.26
C TRP A 318 2.86 -15.42 8.35
N HIS A 319 1.57 -15.59 8.09
CA HIS A 319 1.08 -16.48 7.05
C HIS A 319 0.05 -15.75 6.19
N VAL A 320 -0.03 -16.09 4.91
CA VAL A 320 -0.96 -15.41 4.01
C VAL A 320 -2.39 -15.84 4.32
N ASN A 321 -3.32 -14.90 4.24
CA ASN A 321 -4.74 -15.21 4.36
C ASN A 321 -5.16 -16.17 3.25
N GLU A 322 -6.20 -16.94 3.53
CA GLU A 322 -6.79 -17.76 2.48
C GLU A 322 -7.38 -16.86 1.41
N ARG A 323 -7.30 -17.33 0.17
CA ARG A 323 -7.66 -16.50 -0.97
C ARG A 323 -8.71 -17.23 -1.77
N PRO A 324 -9.99 -16.95 -1.53
CA PRO A 324 -11.04 -17.50 -2.39
C PRO A 324 -10.91 -16.98 -3.81
N GLU A 325 -11.54 -17.68 -4.75
CA GLU A 325 -11.63 -17.19 -6.12
C GLU A 325 -12.61 -16.04 -6.19
N PHE A 326 -12.16 -14.90 -6.70
CA PHE A 326 -12.98 -13.74 -7.00
C PHE A 326 -12.73 -13.34 -8.45
N PRO A 327 -13.63 -12.56 -9.03
CA PRO A 327 -13.29 -11.91 -10.30
C PRO A 327 -12.04 -11.06 -10.14
N PHE A 328 -11.22 -11.04 -11.19
CA PHE A 328 -9.98 -10.26 -11.21
C PHE A 328 -8.98 -10.75 -10.18
N ASN A 329 -9.20 -11.95 -9.64
CA ASN A 329 -8.32 -12.58 -8.62
C ASN A 329 -8.07 -11.67 -7.42
N LEU A 330 -9.06 -10.87 -7.03
CA LEU A 330 -8.86 -10.01 -5.86
C LEU A 330 -8.70 -10.86 -4.60
N THR A 331 -7.92 -10.34 -3.64
CA THR A 331 -7.92 -10.90 -2.28
C THR A 331 -9.20 -10.50 -1.55
N LYS A 332 -9.44 -11.13 -0.40
CA LYS A 332 -10.58 -10.75 0.42
C LYS A 332 -10.45 -9.33 0.92
N PHE A 333 -9.24 -8.93 1.32
CA PHE A 333 -9.05 -7.56 1.79
C PHE A 333 -9.33 -6.57 0.66
N ALA A 334 -8.93 -6.91 -0.55
CA ALA A 334 -9.09 -5.99 -1.68
C ALA A 334 -10.56 -5.81 -2.05
N VAL A 335 -11.36 -6.84 -1.86
CA VAL A 335 -12.80 -6.76 -2.10
C VAL A 335 -13.46 -5.71 -1.22
N THR A 336 -12.95 -5.48 0.00
CA THR A 336 -13.58 -4.50 0.88
C THR A 336 -13.27 -3.06 0.47
N LEU A 337 -12.28 -2.83 -0.41
CA LEU A 337 -11.81 -1.44 -0.56
C LEU A 337 -12.72 -0.57 -1.42
N ASN A 338 -13.19 -1.07 -2.55
CA ASN A 338 -14.01 -0.24 -3.44
C ASN A 338 -15.50 -0.35 -3.16
N ALA A 339 -15.87 -0.72 -1.94
CA ALA A 339 -17.24 -1.09 -1.66
C ALA A 339 -18.08 0.17 -1.45
N PRO A 340 -19.06 0.39 -2.23
CA PRO A 340 -19.91 1.58 -2.01
C PRO A 340 -20.91 1.33 -0.88
N GLN A 341 -20.37 1.14 0.32
CA GLN A 341 -21.21 0.80 1.47
C GLN A 341 -22.33 1.81 1.63
N PRO A 342 -23.57 1.34 1.90
CA PRO A 342 -24.71 2.28 1.98
C PRO A 342 -24.55 3.38 3.02
N HIS A 343 -24.02 3.07 4.21
CA HIS A 343 -23.89 4.11 5.22
C HIS A 343 -22.67 4.97 5.03
N LEU A 344 -21.78 4.58 4.12
CA LEU A 344 -20.57 5.35 3.94
C LEU A 344 -20.78 6.46 2.92
N LEU A 345 -21.50 6.20 1.82
CA LEU A 345 -21.58 7.16 0.73
C LEU A 345 -21.97 8.59 1.14
N PRO A 346 -22.87 8.82 2.09
CA PRO A 346 -23.17 10.22 2.46
C PRO A 346 -22.00 10.99 3.03
N TRP A 347 -21.00 10.32 3.67
CA TRP A 347 -19.85 10.99 4.25
C TRP A 347 -18.75 11.36 3.24
N LEU A 348 -18.73 10.74 2.06
CA LEU A 348 -17.58 10.84 1.17
C LEU A 348 -17.49 12.19 0.46
N PRO A 349 -16.27 12.65 0.17
CA PRO A 349 -16.10 13.77 -0.78
C PRO A 349 -16.42 13.32 -2.19
N PRO A 350 -16.67 14.25 -3.11
CA PRO A 350 -16.95 13.87 -4.51
C PRO A 350 -15.76 13.22 -5.20
N THR A 351 -14.57 13.32 -4.64
CA THR A 351 -13.32 12.78 -5.17
C THR A 351 -13.04 11.34 -4.74
N ASP A 352 -13.87 10.71 -3.92
CA ASP A 352 -13.49 9.39 -3.41
C ASP A 352 -13.56 8.36 -4.53
N THR A 353 -12.59 7.44 -4.55
CA THR A 353 -12.50 6.41 -5.58
C THR A 353 -13.77 5.56 -5.65
N ARG A 354 -14.49 5.39 -4.54
CA ARG A 354 -15.71 4.60 -4.63
C ARG A 354 -16.73 5.20 -5.61
N LEU A 355 -16.64 6.49 -5.90
CA LEU A 355 -17.58 7.16 -6.77
C LEU A 355 -17.08 7.25 -8.20
N ARG A 356 -15.90 6.76 -8.49
CA ARG A 356 -15.36 6.89 -9.83
C ARG A 356 -16.13 5.97 -10.77
N PRO A 357 -16.70 6.50 -11.87
CA PRO A 357 -17.71 5.74 -12.61
C PRO A 357 -17.13 4.74 -13.61
N ASP A 358 -15.99 5.03 -14.23
CA ASP A 358 -15.44 4.01 -15.12
C ASP A 358 -14.92 2.81 -14.33
N GLN A 359 -14.31 3.07 -13.17
CA GLN A 359 -13.85 1.98 -12.34
C GLN A 359 -15.02 1.19 -11.77
N ARG A 360 -16.11 1.87 -11.38
CA ARG A 360 -17.29 1.16 -10.89
C ARG A 360 -17.86 0.24 -11.95
N ALA A 361 -18.01 0.76 -13.18
CA ALA A 361 -18.62 -0.04 -14.24
C ALA A 361 -17.77 -1.25 -14.57
N MET A 362 -16.45 -1.05 -14.56
CA MET A 362 -15.52 -2.16 -14.76
C MET A 362 -15.71 -3.23 -13.70
N GLU A 363 -15.79 -2.82 -12.44
CA GLU A 363 -15.98 -3.75 -11.35
C GLU A 363 -17.22 -4.60 -11.58
N GLU A 364 -18.27 -4.02 -12.15
CA GLU A 364 -19.52 -4.74 -12.39
C GLU A 364 -19.56 -5.43 -13.74
N GLY A 365 -18.42 -5.54 -14.43
CA GLY A 365 -18.32 -6.20 -15.71
C GLY A 365 -18.94 -5.49 -16.90
N ARG A 366 -19.09 -4.17 -16.86
CA ARG A 366 -19.61 -3.42 -17.99
C ARG A 366 -18.46 -2.65 -18.62
N TYR A 367 -17.73 -3.33 -19.52
CA TYR A 367 -16.45 -2.84 -20.00
C TYR A 367 -16.59 -1.73 -21.03
N ASP A 368 -17.67 -1.73 -21.83
CA ASP A 368 -17.87 -0.61 -22.74
C ASP A 368 -18.32 0.64 -22.00
N GLU A 369 -19.19 0.51 -20.99
CA GLU A 369 -19.49 1.70 -20.20
C GLU A 369 -18.24 2.24 -19.53
N ALA A 370 -17.39 1.35 -18.99
CA ALA A 370 -16.10 1.73 -18.41
C ALA A 370 -15.25 2.48 -19.44
N ALA A 371 -15.13 1.94 -20.65
CA ALA A 371 -14.32 2.64 -21.65
C ALA A 371 -14.92 4.00 -21.97
N THR A 372 -16.26 4.11 -21.98
CA THR A 372 -16.90 5.38 -22.29
C THR A 372 -16.68 6.40 -21.18
N GLU A 373 -16.82 5.98 -19.91
CA GLU A 373 -16.66 6.92 -18.81
C GLU A 373 -15.19 7.31 -18.61
N LYS A 374 -14.28 6.36 -18.85
CA LYS A 374 -12.85 6.65 -18.77
C LYS A 374 -12.47 7.77 -19.74
N HIS A 375 -12.94 7.68 -20.98
CA HIS A 375 -12.66 8.71 -21.96
C HIS A 375 -13.17 10.06 -21.48
N ARG A 376 -14.39 10.09 -20.93
CA ARG A 376 -14.98 11.35 -20.48
C ARG A 376 -14.18 11.96 -19.32
N VAL A 377 -13.92 11.18 -18.26
CA VAL A 377 -13.19 11.80 -17.15
C VAL A 377 -11.74 12.10 -17.55
N GLU A 378 -11.14 11.32 -18.45
CA GLU A 378 -9.78 11.68 -18.87
C GLU A 378 -9.77 12.93 -19.74
N GLU A 379 -10.78 13.11 -20.59
CA GLU A 379 -10.85 14.34 -21.38
C GLU A 379 -11.01 15.55 -20.49
N ARG A 380 -11.88 15.46 -19.48
CA ARG A 380 -12.09 16.58 -18.57
C ARG A 380 -10.79 16.93 -17.83
N GLN A 381 -10.14 15.93 -17.24
CA GLN A 381 -8.83 16.15 -16.62
C GLN A 381 -7.91 16.94 -17.55
N ARG A 382 -7.82 16.51 -18.81
CA ARG A 382 -6.94 17.18 -19.76
C ARG A 382 -7.37 18.62 -19.99
N SER A 383 -8.67 18.85 -20.15
CA SER A 383 -9.10 20.22 -20.44
C SER A 383 -8.92 21.13 -19.22
N VAL A 384 -9.12 20.61 -18.01
CA VAL A 384 -8.89 21.47 -16.86
C VAL A 384 -7.41 21.84 -16.77
N ARG A 385 -6.53 20.88 -17.06
CA ARG A 385 -5.10 21.17 -17.08
C ARG A 385 -4.76 22.25 -18.10
N LYS A 386 -5.30 22.15 -19.33
CA LYS A 386 -4.95 23.15 -20.34
C LYS A 386 -5.44 24.54 -19.92
N LYS A 387 -6.61 24.63 -19.28
CA LYS A 387 -7.11 25.93 -18.83
C LYS A 387 -6.23 26.52 -17.73
N ARG A 388 -5.77 25.67 -16.81
CA ARG A 388 -4.84 26.14 -15.78
C ARG A 388 -3.59 26.73 -16.42
N GLU A 389 -3.01 26.01 -17.38
CA GLU A 389 -1.79 26.47 -18.04
C GLU A 389 -2.02 27.80 -18.77
N GLU A 390 -3.19 27.99 -19.37
CA GLU A 390 -3.44 29.24 -20.10
C GLU A 390 -3.64 30.43 -19.18
N LYS A 391 -3.90 30.20 -17.90
CA LYS A 391 -4.09 31.27 -16.93
C LYS A 391 -2.97 31.34 -15.89
N ASN A 392 -1.87 30.61 -16.12
CA ASN A 392 -0.71 30.62 -15.24
C ASN A 392 -1.08 30.21 -13.82
N ILE A 393 -1.96 29.21 -13.70
CA ILE A 393 -2.47 28.77 -12.42
C ILE A 393 -1.66 27.57 -11.97
N THR A 394 -0.99 27.71 -10.83
CA THR A 394 -0.27 26.63 -10.17
C THR A 394 -1.26 25.70 -9.46
N TYR A 395 -1.15 24.40 -9.73
CA TYR A 395 -2.04 23.44 -9.08
C TYR A 395 -1.69 23.27 -7.61
N GLN A 396 -2.72 23.24 -6.77
CA GLN A 396 -2.57 23.07 -5.32
C GLN A 396 -3.32 21.84 -4.87
N GLN A 397 -2.61 20.90 -4.27
CA GLN A 397 -3.24 19.75 -3.64
C GLN A 397 -4.22 20.23 -2.58
N ARG A 398 -5.21 19.41 -2.28
CA ARG A 398 -6.21 19.86 -1.31
C ARG A 398 -5.88 19.43 0.12
N TRP A 399 -5.40 18.22 0.35
CA TRP A 399 -5.31 17.70 1.71
C TRP A 399 -3.89 17.49 2.21
N PHE A 400 -2.87 17.77 1.39
CA PHE A 400 -1.47 17.52 1.68
C PHE A 400 -0.64 18.70 1.18
N LYS A 401 0.48 18.96 1.83
CA LYS A 401 1.41 19.95 1.32
C LYS A 401 2.82 19.40 1.41
N LYS A 402 3.61 19.61 0.37
CA LYS A 402 5.00 19.16 0.39
C LYS A 402 5.80 19.98 1.40
N GLU A 403 6.38 19.31 2.39
CA GLU A 403 7.22 19.92 3.41
C GLU A 403 8.49 19.11 3.58
N ILE A 404 9.42 19.65 4.35
CA ILE A 404 10.68 18.97 4.63
C ILE A 404 10.57 18.25 5.97
N HIS A 405 10.80 16.94 5.98
CA HIS A 405 10.61 16.19 7.22
C HIS A 405 11.75 16.50 8.19
N PRO A 406 11.45 16.69 9.49
CA PRO A 406 12.51 17.12 10.42
C PRO A 406 13.52 16.04 10.73
N VAL A 407 13.13 14.77 10.76
CA VAL A 407 14.08 13.72 11.07
C VAL A 407 14.90 13.34 9.85
N THR A 408 14.23 13.05 8.72
CA THR A 408 14.95 12.59 7.53
C THR A 408 15.50 13.71 6.66
N LYS A 409 15.00 14.93 6.83
CA LYS A 409 15.34 16.08 6.00
C LYS A 409 14.99 15.85 4.53
N CYS A 410 14.08 14.93 4.24
CA CYS A 410 13.56 14.75 2.88
C CYS A 410 12.25 15.50 2.76
N ASP A 411 11.91 15.87 1.51
CA ASP A 411 10.54 16.32 1.24
C ASP A 411 9.57 15.17 1.42
N TYR A 412 8.45 15.45 2.07
CA TYR A 412 7.38 14.48 2.19
C TYR A 412 6.05 15.22 2.05
N TRP A 413 4.99 14.46 1.83
CA TRP A 413 3.68 15.05 1.79
C TRP A 413 3.11 14.99 3.19
N LYS A 414 3.02 16.17 3.83
CA LYS A 414 2.41 16.35 5.14
C LYS A 414 0.92 16.52 4.97
N PHE A 415 0.16 15.62 5.60
CA PHE A 415 -1.30 15.71 5.70
C PHE A 415 -1.68 16.96 6.50
N ASN A 416 -2.60 17.77 5.97
CA ASN A 416 -2.93 19.03 6.63
C ASN A 416 -3.85 18.87 7.83
N GLY A 417 -4.28 17.64 8.14
CA GLY A 417 -5.11 17.38 9.32
C GLY A 417 -6.57 17.74 9.20
N GLU A 418 -7.02 18.20 8.03
CA GLU A 418 -8.36 18.74 7.94
C GLU A 418 -9.39 17.76 7.43
N TYR A 419 -8.99 16.69 6.74
CA TYR A 419 -9.95 15.88 6.02
C TYR A 419 -10.97 15.26 6.98
N TRP A 420 -10.51 14.64 8.06
CA TRP A 420 -11.44 13.86 8.87
C TRP A 420 -12.38 14.76 9.67
N LYS A 421 -11.93 15.95 10.06
CA LYS A 421 -12.82 16.87 10.76
C LYS A 421 -13.81 17.54 9.81
N GLN A 422 -13.36 17.92 8.62
CA GLN A 422 -14.30 18.49 7.66
C GLN A 422 -15.35 17.45 7.25
N ARG A 423 -14.93 16.20 7.02
CA ARG A 423 -15.86 15.11 6.77
C ARG A 423 -16.84 14.96 7.93
N ARG A 424 -16.34 14.96 9.17
CA ARG A 424 -17.21 14.87 10.34
C ARG A 424 -18.33 15.89 10.28
N ASP A 425 -18.01 17.09 9.81
CA ASP A 425 -18.91 18.22 9.82
C ASP A 425 -19.65 18.40 8.51
N HIS A 426 -19.57 17.44 7.60
CA HIS A 426 -20.28 17.46 6.32
C HIS A 426 -19.95 18.71 5.50
N LYS A 427 -18.66 19.00 5.38
CA LYS A 427 -18.19 20.16 4.64
C LYS A 427 -17.48 19.79 3.36
N LEU A 428 -17.72 18.58 2.84
CA LEU A 428 -16.97 18.04 1.72
C LEU A 428 -17.72 18.10 0.39
N ALA A 429 -18.97 18.56 0.36
CA ALA A 429 -19.73 18.45 -0.88
C ALA A 429 -19.08 19.20 -2.02
N ASP A 430 -18.40 20.29 -1.72
CA ASP A 430 -17.79 21.13 -2.75
C ASP A 430 -16.29 20.88 -2.93
N GLU A 431 -15.75 19.78 -2.38
CA GLU A 431 -14.31 19.56 -2.35
C GLU A 431 -13.84 18.75 -3.58
N GLY A 432 -14.07 19.33 -4.76
CA GLY A 432 -13.62 18.69 -5.97
C GLY A 432 -14.70 18.26 -6.93
N ASP A 433 -14.36 18.23 -8.22
CA ASP A 433 -15.33 17.88 -9.24
C ASP A 433 -14.55 17.30 -10.42
N ILE A 434 -14.35 15.98 -10.38
CA ILE A 434 -13.51 15.28 -11.35
C ILE A 434 -14.20 14.10 -12.00
N PHE A 435 -15.31 13.61 -11.47
CA PHE A 435 -16.02 12.46 -12.02
C PHE A 435 -17.31 12.85 -12.77
C1 CLR B . 3.10 -3.40 -4.90
C2 CLR B . 3.06 -2.97 -3.42
C3 CLR B . 3.33 -1.47 -3.29
C4 CLR B . 2.24 -0.70 -4.04
C5 CLR B . 2.15 -1.18 -5.48
C6 CLR B . 2.14 -0.25 -6.51
C7 CLR B . 2.09 -0.52 -7.88
C8 CLR B . 1.66 -1.97 -8.18
C9 CLR B . 2.38 -2.96 -7.25
C10 CLR B . 2.07 -2.68 -5.77
C11 CLR B . 2.09 -4.41 -7.67
C12 CLR B . 2.34 -4.68 -9.15
C13 CLR B . 1.55 -3.70 -10.02
C14 CLR B . 1.99 -2.29 -9.64
C15 CLR B . 1.31 -1.45 -10.70
C16 CLR B . 1.69 -2.22 -11.97
C17 CLR B . 1.98 -3.66 -11.50
C18 CLR B . 0.03 -3.90 -9.86
C19 CLR B . 0.66 -3.16 -5.41
C20 CLR B . 1.34 -4.70 -12.42
C21 CLR B . 1.78 -6.11 -12.02
C22 CLR B . 1.75 -4.43 -13.88
C23 CLR B . 0.69 -4.89 -14.89
C24 CLR B . 0.93 -4.29 -16.29
C25 CLR B . -0.11 -4.74 -17.31
C26 CLR B . 0.00 -6.23 -17.63
C27 CLR B . -0.03 -3.91 -18.60
O1 CLR B . 3.31 -1.11 -1.90
S SO4 C . 10.98 -14.54 -19.54
O1 SO4 C . 9.74 -14.91 -20.21
O2 SO4 C . 10.69 -14.18 -18.14
O3 SO4 C . 11.89 -15.69 -19.57
O4 SO4 C . 11.61 -13.43 -20.25
S SO4 D . -21.27 -2.60 -21.34
O1 SO4 D . -22.21 -2.06 -22.34
O2 SO4 D . -21.98 -3.47 -20.40
O3 SO4 D . -20.24 -3.39 -22.03
O4 SO4 D . -20.66 -1.50 -20.62
S SO4 E . -1.35 18.60 -24.85
O1 SO4 E . -2.34 19.66 -25.06
O2 SO4 E . -1.97 17.48 -24.17
O3 SO4 E . -0.83 18.15 -26.16
O4 SO4 E . -0.24 19.12 -24.05
S SO4 F . -3.13 13.96 -20.06
O1 SO4 F . -3.90 13.96 -21.30
O2 SO4 F . -3.97 14.32 -18.94
O3 SO4 F . -2.62 12.61 -19.82
O4 SO4 F . -2.00 14.90 -20.19
#